data_8R2K
#
_entry.id   8R2K
#
_cell.length_a   42.557
_cell.length_b   41.613
_cell.length_c   72.867
_cell.angle_alpha   90.000
_cell.angle_beta   104.407
_cell.angle_gamma   90.000
#
_symmetry.space_group_name_H-M   'P 1 21 1'
#
loop_
_entity.id
_entity.type
_entity.pdbx_description
1 polymer 'Carbonic anhydrase 2'
2 non-polymer GLYCEROL
3 non-polymer 'ZINC ION'
4 non-polymer 4-[[(2~{R})-5-oxidanylidene-2-(2,4,5-trimethoxyphenyl)-2~{H}-furan-4-yl]amino]benzenesulfonamide
5 water water
#
_entity_poly.entity_id   1
_entity_poly.type   'polypeptide(L)'
_entity_poly.pdbx_seq_one_letter_code
;MSHHWGYGKHNGPEHWHKDFPIAKGERQSPVDIDTHTAKYDPSLKPLSVSYDQATSLRILNNGHAFNVEFDDSQDKAVLK
GGPLDGTYRLIQFHFHWGSLDGQGSEHTVDKKKYAAELHLVHWNTKYGDFGKAVQQPDGLAVLGIFLKVGSAKPGLQKVV
DVLDSIKTKGKSADFTNFDPRGLLPESLDYWTYPGSLTTPPLLECVTWIVLKEPISVSSEQVLKFRKLNFNGEGEPEELM
VDNWRPAQPLKNRQIKASFK
;
_entity_poly.pdbx_strand_id   AAA
#
loop_
_chem_comp.id
_chem_comp.type
_chem_comp.name
_chem_comp.formula
GOL non-polymer GLYCEROL 'C3 H8 O3'
XPI non-polymer 4-[[(2~{R})-5-oxidanylidene-2-(2,4,5-trimethoxyphenyl)-2~{H}-furan-4-yl]amino]benzenesulfonamide 'C19 H20 N2 O7 S'
ZN non-polymer 'ZINC ION' 'Zn 2'
#
# COMPACT_ATOMS: atom_id res chain seq x y z
N HIS A 3 -0.69 16.74 -19.07
CA HIS A 3 -1.25 17.10 -17.70
C HIS A 3 -1.82 15.84 -17.01
N HIS A 4 -1.03 14.77 -16.90
CA HIS A 4 -1.42 13.47 -16.28
C HIS A 4 -1.44 13.66 -14.77
N TRP A 5 -2.08 12.73 -14.05
CA TRP A 5 -2.32 12.85 -12.61
C TRP A 5 -0.97 12.72 -11.87
N GLY A 6 -0.94 13.28 -10.67
CA GLY A 6 0.19 13.12 -9.75
C GLY A 6 -0.17 13.61 -8.36
N TYR A 7 0.79 14.24 -7.68
CA TYR A 7 0.57 14.67 -6.28
C TYR A 7 0.90 16.14 -6.11
N GLY A 8 1.13 16.87 -7.21
CA GLY A 8 1.35 18.34 -7.15
C GLY A 8 0.06 19.14 -6.92
N LYS A 9 0.19 20.44 -6.61
CA LYS A 9 -0.98 21.37 -6.49
C LYS A 9 -1.80 21.34 -7.78
N HIS A 10 -1.17 21.12 -8.91
CA HIS A 10 -1.89 21.28 -10.19
C HIS A 10 -2.45 19.93 -10.65
N ASN A 11 -2.00 18.79 -10.12
CA ASN A 11 -2.47 17.49 -10.68
C ASN A 11 -2.75 16.48 -9.56
N GLY A 12 -2.88 16.96 -8.32
CA GLY A 12 -2.96 16.14 -7.10
C GLY A 12 -4.37 15.62 -6.83
N PRO A 13 -4.57 14.95 -5.68
CA PRO A 13 -5.84 14.27 -5.41
C PRO A 13 -7.12 15.12 -5.57
N GLU A 14 -7.08 16.44 -5.34
CA GLU A 14 -8.25 17.33 -5.54
C GLU A 14 -8.66 17.47 -7.03
N HIS A 15 -7.77 17.11 -7.96
CA HIS A 15 -8.03 17.22 -9.41
C HIS A 15 -8.51 15.89 -10.01
N TRP A 16 -8.22 14.76 -9.34
CA TRP A 16 -8.40 13.43 -9.97
C TRP A 16 -9.83 13.21 -10.49
N HIS A 17 -10.85 13.69 -9.78
CA HIS A 17 -12.27 13.44 -10.16
C HIS A 17 -12.53 13.88 -11.61
N LYS A 18 -11.75 14.82 -12.12
CA LYS A 18 -12.02 15.39 -13.48
C LYS A 18 -11.77 14.32 -14.55
N ASP A 19 -10.75 13.48 -14.39
CA ASP A 19 -10.48 12.38 -15.35
C ASP A 19 -11.03 11.06 -14.83
N PHE A 20 -11.26 10.92 -13.51
CA PHE A 20 -11.64 9.66 -12.86
C PHE A 20 -12.81 9.97 -11.92
N PRO A 21 -14.05 10.13 -12.44
CA PRO A 21 -15.17 10.57 -11.60
C PRO A 21 -15.49 9.67 -10.40
N ILE A 22 -15.07 8.42 -10.46
CA ILE A 22 -15.27 7.47 -9.34
CA ILE A 22 -15.26 7.46 -9.34
C ILE A 22 -14.51 8.00 -8.12
N ALA A 23 -13.65 9.00 -8.26
CA ALA A 23 -12.96 9.66 -7.11
C ALA A 23 -13.96 10.11 -6.01
N LYS A 24 -15.19 10.47 -6.40
CA LYS A 24 -16.26 10.91 -5.45
C LYS A 24 -17.26 9.78 -5.20
N GLY A 25 -16.88 8.51 -5.35
CA GLY A 25 -17.78 7.34 -5.27
C GLY A 25 -18.03 6.90 -3.84
N GLU A 26 -18.72 5.77 -3.73
CA GLU A 26 -19.31 5.28 -2.46
C GLU A 26 -18.31 4.43 -1.67
N ARG A 27 -17.22 3.98 -2.27
CA ARG A 27 -16.31 3.07 -1.52
C ARG A 27 -14.87 3.45 -1.83
N GLN A 28 -14.54 4.72 -1.63
CA GLN A 28 -13.18 5.23 -1.93
C GLN A 28 -12.25 5.03 -0.73
N SER A 29 -10.97 4.85 -1.06
CA SER A 29 -9.88 4.68 -0.08
C SER A 29 -8.79 5.74 -0.29
N PRO A 30 -8.00 6.05 0.73
CA PRO A 30 -8.09 5.50 2.08
C PRO A 30 -9.17 6.14 2.94
N VAL A 31 -9.27 5.70 4.19
CA VAL A 31 -10.21 6.27 5.19
C VAL A 31 -9.48 6.45 6.50
N ASP A 32 -10.08 7.26 7.36
CA ASP A 32 -9.72 7.31 8.79
C ASP A 32 -10.39 6.13 9.48
N ILE A 33 -9.63 5.42 10.29
CA ILE A 33 -10.11 4.31 11.13
C ILE A 33 -10.37 4.84 12.52
N ASP A 34 -11.65 5.04 12.85
CA ASP A 34 -12.05 5.51 14.21
CA ASP A 34 -12.07 5.51 14.21
C ASP A 34 -12.07 4.27 15.10
N THR A 35 -11.06 4.11 15.94
CA THR A 35 -10.88 2.88 16.77
C THR A 35 -12.05 2.64 17.74
N HIS A 36 -12.83 3.67 18.06
CA HIS A 36 -13.96 3.53 19.03
C HIS A 36 -15.26 3.18 18.27
N THR A 37 -15.26 3.22 16.93
CA THR A 37 -16.46 2.97 16.07
C THR A 37 -16.29 1.63 15.37
N ALA A 38 -15.06 1.18 15.15
CA ALA A 38 -14.78 -0.13 14.52
C ALA A 38 -15.23 -1.23 15.48
N LYS A 39 -15.96 -2.22 14.95
CA LYS A 39 -16.59 -3.27 15.78
C LYS A 39 -15.77 -4.55 15.65
N TYR A 40 -15.36 -5.13 16.78
CA TYR A 40 -14.87 -6.51 16.82
C TYR A 40 -15.92 -7.38 16.13
N ASP A 41 -15.46 -8.17 15.19
CA ASP A 41 -16.27 -9.16 14.43
C ASP A 41 -15.71 -10.56 14.71
N PRO A 42 -16.32 -11.35 15.61
CA PRO A 42 -15.70 -12.61 16.05
C PRO A 42 -15.71 -13.70 14.96
N SER A 43 -16.49 -13.48 13.89
CA SER A 43 -16.60 -14.40 12.73
C SER A 43 -15.46 -14.20 11.72
N LEU A 44 -14.68 -13.13 11.81
CA LEU A 44 -13.44 -12.99 10.97
C LEU A 44 -12.50 -14.15 11.34
N LYS A 45 -12.15 -14.97 10.37
CA LYS A 45 -11.15 -16.06 10.52
C LYS A 45 -9.77 -15.48 10.74
N PRO A 46 -8.81 -16.23 11.33
CA PRO A 46 -7.43 -15.76 11.34
C PRO A 46 -6.93 -15.51 9.90
N LEU A 47 -6.04 -14.55 9.79
CA LEU A 47 -5.39 -14.16 8.52
C LEU A 47 -4.24 -15.14 8.23
N SER A 48 -4.14 -15.58 6.99
CA SER A 48 -3.08 -16.50 6.52
C SER A 48 -2.20 -15.73 5.52
N VAL A 49 -0.98 -15.38 5.91
CA VAL A 49 0.04 -14.77 5.01
C VAL A 49 1.07 -15.86 4.72
N SER A 50 1.11 -16.37 3.50
CA SER A 50 1.99 -17.50 3.12
C SER A 50 2.93 -17.01 2.04
N TYR A 51 4.06 -16.45 2.47
CA TYR A 51 5.08 -15.78 1.62
C TYR A 51 6.35 -16.63 1.51
N ASP A 52 6.40 -17.84 2.06
CA ASP A 52 7.70 -18.56 2.12
C ASP A 52 8.21 -18.89 0.70
N GLN A 53 7.34 -19.10 -0.30
CA GLN A 53 7.77 -19.43 -1.69
C GLN A 53 7.71 -18.19 -2.60
N ALA A 54 7.68 -16.98 -2.04
CA ALA A 54 7.56 -15.72 -2.80
C ALA A 54 8.76 -15.59 -3.74
N THR A 55 8.49 -15.22 -4.99
CA THR A 55 9.54 -15.00 -6.00
C THR A 55 9.55 -13.53 -6.42
N SER A 56 10.39 -12.69 -5.82
CA SER A 56 10.54 -11.28 -6.25
C SER A 56 11.37 -11.25 -7.53
N LEU A 57 11.13 -10.30 -8.41
CA LEU A 57 11.81 -10.26 -9.72
C LEU A 57 12.50 -8.93 -9.97
N ARG A 58 11.83 -7.81 -9.65
CA ARG A 58 12.24 -6.52 -10.24
C ARG A 58 11.74 -5.41 -9.34
N ILE A 59 12.44 -4.31 -9.33
CA ILE A 59 11.96 -3.10 -8.63
C ILE A 59 11.90 -1.99 -9.67
N LEU A 60 10.82 -1.21 -9.69
CA LEU A 60 10.55 -0.21 -10.75
C LEU A 60 10.15 1.13 -10.11
N ASN A 61 10.74 2.22 -10.58
CA ASN A 61 10.25 3.58 -10.27
C ASN A 61 9.22 3.89 -11.35
N ASN A 62 7.95 3.95 -10.99
CA ASN A 62 6.86 4.24 -11.96
C ASN A 62 6.45 5.71 -12.00
N GLY A 63 7.19 6.64 -11.39
CA GLY A 63 6.87 8.06 -11.35
C GLY A 63 5.90 8.46 -10.25
N HIS A 64 5.30 7.50 -9.56
CA HIS A 64 4.33 7.74 -8.45
C HIS A 64 4.86 7.13 -7.16
N ALA A 65 5.48 5.97 -7.24
CA ALA A 65 6.13 5.26 -6.13
C ALA A 65 7.21 4.35 -6.72
N PHE A 66 7.72 3.40 -5.95
CA PHE A 66 8.48 2.26 -6.53
C PHE A 66 7.75 0.98 -6.18
N ASN A 67 7.72 0.08 -7.14
CA ASN A 67 7.04 -1.22 -6.95
C ASN A 67 8.09 -2.32 -6.95
N VAL A 68 8.03 -3.19 -5.97
CA VAL A 68 8.72 -4.49 -5.99
C VAL A 68 7.74 -5.54 -6.53
N GLU A 69 8.08 -6.13 -7.67
CA GLU A 69 7.20 -7.00 -8.47
C GLU A 69 7.57 -8.45 -8.22
N PHE A 70 6.55 -9.30 -8.14
CA PHE A 70 6.66 -10.75 -7.86
C PHE A 70 6.20 -11.56 -9.08
N ASP A 71 6.75 -12.73 -9.26
CA ASP A 71 6.17 -13.78 -10.15
C ASP A 71 4.82 -14.24 -9.58
N ASP A 72 3.69 -13.88 -10.20
CA ASP A 72 2.31 -14.29 -9.82
C ASP A 72 1.70 -15.22 -10.89
N SER A 73 2.52 -15.93 -11.64
CA SER A 73 2.09 -16.86 -12.71
C SER A 73 1.74 -18.22 -12.11
N GLN A 74 1.93 -18.39 -10.78
CA GLN A 74 1.50 -19.55 -9.97
C GLN A 74 1.23 -19.08 -8.54
N ASP A 75 0.56 -19.91 -7.72
CA ASP A 75 0.29 -19.68 -6.28
C ASP A 75 1.59 -19.97 -5.50
N LYS A 76 2.34 -18.92 -5.19
CA LYS A 76 3.69 -18.99 -4.56
C LYS A 76 3.70 -18.18 -3.27
N ALA A 77 3.12 -17.00 -3.35
CA ALA A 77 3.01 -16.02 -2.26
C ALA A 77 1.54 -15.59 -2.21
N VAL A 78 0.81 -16.01 -1.21
CA VAL A 78 -0.66 -15.85 -1.25
C VAL A 78 -1.13 -15.31 0.09
N LEU A 79 -2.25 -14.60 0.03
CA LEU A 79 -3.01 -14.15 1.19
C LEU A 79 -4.37 -14.84 1.16
N LYS A 80 -4.76 -15.38 2.30
CA LYS A 80 -6.03 -16.10 2.48
C LYS A 80 -6.58 -15.80 3.87
N GLY A 81 -7.80 -16.24 4.14
CA GLY A 81 -8.42 -16.12 5.47
C GLY A 81 -8.82 -14.71 5.78
N GLY A 82 -8.90 -14.37 7.07
CA GLY A 82 -9.52 -13.13 7.53
C GLY A 82 -10.87 -12.91 6.86
N PRO A 83 -11.09 -11.74 6.20
CA PRO A 83 -12.35 -11.41 5.56
C PRO A 83 -12.51 -12.06 4.18
N LEU A 84 -11.47 -12.74 3.68
CA LEU A 84 -11.34 -13.14 2.26
C LEU A 84 -11.99 -14.51 2.01
N ASP A 85 -12.62 -14.65 0.88
CA ASP A 85 -12.96 -15.98 0.32
C ASP A 85 -11.92 -16.32 -0.75
N GLY A 86 -11.35 -17.51 -0.68
CA GLY A 86 -10.45 -18.04 -1.70
C GLY A 86 -9.08 -17.42 -1.54
N THR A 87 -8.31 -17.42 -2.64
CA THR A 87 -6.86 -17.26 -2.65
C THR A 87 -6.51 -16.00 -3.41
N TYR A 88 -5.69 -15.15 -2.80
CA TYR A 88 -5.20 -13.91 -3.44
C TYR A 88 -3.69 -13.97 -3.60
N ARG A 89 -3.23 -13.78 -4.82
CA ARG A 89 -1.79 -13.93 -5.19
C ARG A 89 -1.09 -12.58 -5.03
N LEU A 90 0.06 -12.56 -4.37
CA LEU A 90 0.87 -11.32 -4.29
C LEU A 90 1.41 -10.98 -5.69
N ILE A 91 1.23 -9.73 -6.13
CA ILE A 91 1.78 -9.27 -7.44
C ILE A 91 2.83 -8.19 -7.22
N GLN A 92 2.68 -7.34 -6.21
CA GLN A 92 3.68 -6.25 -5.98
C GLN A 92 3.47 -5.64 -4.62
N PHE A 93 4.50 -5.00 -4.14
CA PHE A 93 4.34 -4.08 -3.00
C PHE A 93 4.98 -2.75 -3.34
N HIS A 94 4.47 -1.75 -2.63
CA HIS A 94 4.94 -0.36 -2.74
C HIS A 94 4.61 0.40 -1.46
N PHE A 95 5.12 1.59 -1.37
CA PHE A 95 4.93 2.47 -0.19
C PHE A 95 4.35 3.80 -0.65
N HIS A 96 3.75 4.50 0.32
CA HIS A 96 3.42 5.95 0.29
C HIS A 96 4.14 6.60 1.45
N TRP A 97 4.68 7.79 1.24
CA TRP A 97 5.45 8.44 2.32
C TRP A 97 5.39 9.96 2.18
N GLY A 98 5.85 10.61 3.24
CA GLY A 98 5.76 12.06 3.42
C GLY A 98 7.09 12.76 3.22
N SER A 99 7.03 14.08 3.18
CA SER A 99 8.22 14.96 3.20
C SER A 99 8.84 15.03 4.60
N LEU A 100 8.06 14.77 5.65
CA LEU A 100 8.50 14.78 7.06
C LEU A 100 7.83 13.63 7.81
N ASP A 101 8.29 13.29 8.99
CA ASP A 101 7.81 12.06 9.68
C ASP A 101 6.35 12.20 10.10
N GLY A 102 5.79 13.42 10.20
CA GLY A 102 4.44 13.65 10.72
C GLY A 102 3.37 13.39 9.66
N GLN A 103 3.74 13.00 8.44
CA GLN A 103 2.71 12.68 7.42
C GLN A 103 3.28 11.66 6.43
N GLY A 104 2.40 11.00 5.66
CA GLY A 104 2.90 10.04 4.68
C GLY A 104 1.97 8.85 4.49
N SER A 105 1.27 8.43 5.57
CA SER A 105 0.34 7.30 5.46
C SER A 105 -0.92 7.77 4.73
N GLU A 106 -1.60 6.81 4.13
CA GLU A 106 -2.89 7.03 3.44
C GLU A 106 -4.05 6.79 4.44
N HIS A 107 -4.10 5.63 5.05
CA HIS A 107 -5.01 5.41 6.18
C HIS A 107 -4.49 6.19 7.37
N THR A 108 -5.41 6.58 8.24
CA THR A 108 -5.12 7.27 9.53
C THR A 108 -5.83 6.49 10.63
N VAL A 109 -5.31 6.62 11.86
CA VAL A 109 -5.93 5.94 13.02
C VAL A 109 -6.30 7.05 14.01
N ASP A 110 -7.59 7.27 14.22
CA ASP A 110 -8.06 8.41 15.06
C ASP A 110 -7.37 9.68 14.57
N LYS A 111 -7.36 9.89 13.26
CA LYS A 111 -6.78 11.03 12.51
C LYS A 111 -5.26 11.07 12.65
N LYS A 112 -4.60 10.12 13.33
CA LYS A 112 -3.12 10.04 13.38
C LYS A 112 -2.56 9.59 12.03
N LYS A 113 -1.57 10.34 11.56
CA LYS A 113 -0.85 10.07 10.30
CA LYS A 113 -0.86 10.07 10.29
C LYS A 113 0.49 9.42 10.65
N TYR A 114 0.81 8.30 10.02
CA TYR A 114 2.14 7.65 10.17
C TYR A 114 3.09 8.19 9.10
N ALA A 115 4.38 7.94 9.25
CA ALA A 115 5.45 8.47 8.36
C ALA A 115 5.36 7.82 6.97
N ALA A 116 4.77 6.66 6.89
CA ALA A 116 4.66 5.94 5.60
C ALA A 116 3.67 4.78 5.77
N GLU A 117 3.32 4.18 4.64
CA GLU A 117 2.37 3.05 4.60
C GLU A 117 2.81 2.12 3.46
N LEU A 118 3.00 0.86 3.81
CA LEU A 118 3.31 -0.25 2.89
C LEU A 118 2.01 -0.87 2.41
N HIS A 119 1.90 -1.10 1.10
CA HIS A 119 0.75 -1.82 0.50
C HIS A 119 1.28 -3.07 -0.20
N LEU A 120 0.86 -4.22 0.28
CA LEU A 120 1.10 -5.53 -0.38
C LEU A 120 -0.14 -5.86 -1.16
N VAL A 121 0.01 -5.90 -2.47
CA VAL A 121 -1.15 -5.96 -3.39
C VAL A 121 -1.33 -7.39 -3.88
N HIS A 122 -2.54 -7.95 -3.68
CA HIS A 122 -2.89 -9.33 -4.06
C HIS A 122 -4.14 -9.35 -4.92
N TRP A 123 -4.20 -10.24 -5.89
CA TRP A 123 -5.41 -10.38 -6.73
C TRP A 123 -6.04 -11.74 -6.57
N ASN A 124 -7.36 -11.77 -6.69
CA ASN A 124 -8.21 -12.97 -6.52
C ASN A 124 -8.03 -13.94 -7.71
N THR A 125 -7.51 -15.14 -7.46
CA THR A 125 -7.17 -16.11 -8.53
C THR A 125 -8.46 -16.59 -9.22
N LYS A 126 -9.66 -16.38 -8.65
CA LYS A 126 -10.88 -16.93 -9.29
C LYS A 126 -11.19 -16.03 -10.49
N TYR A 127 -10.31 -14.79 -10.77
CA TYR A 127 -10.57 -13.98 -11.98
C TYR A 127 -9.45 -14.18 -13.02
N GLY A 128 -8.45 -15.01 -12.74
CA GLY A 128 -7.52 -15.47 -13.78
C GLY A 128 -6.34 -14.54 -14.03
N ASP A 129 -6.56 -13.24 -14.04
CA ASP A 129 -5.45 -12.28 -14.19
C ASP A 129 -5.82 -11.01 -13.45
N PHE A 130 -4.83 -10.15 -13.26
CA PHE A 130 -4.96 -8.93 -12.45
C PHE A 130 -5.92 -7.94 -13.12
N GLY A 131 -5.82 -7.78 -14.44
CA GLY A 131 -6.66 -6.81 -15.15
C GLY A 131 -8.13 -7.16 -15.08
N LYS A 132 -8.45 -8.47 -15.03
CA LYS A 132 -9.83 -8.96 -14.83
C LYS A 132 -10.26 -8.73 -13.37
N ALA A 133 -9.35 -9.00 -12.43
CA ALA A 133 -9.68 -8.90 -10.99
C ALA A 133 -10.07 -7.44 -10.65
N VAL A 134 -9.39 -6.43 -11.20
CA VAL A 134 -9.67 -5.02 -10.79
C VAL A 134 -11.06 -4.57 -11.28
N GLN A 135 -11.75 -5.35 -12.12
CA GLN A 135 -13.12 -5.07 -12.61
C GLN A 135 -14.17 -5.64 -11.64
N GLN A 136 -13.76 -6.27 -10.55
CA GLN A 136 -14.65 -7.00 -9.63
C GLN A 136 -14.59 -6.36 -8.25
N PRO A 137 -15.73 -6.30 -7.53
CA PRO A 137 -15.76 -5.73 -6.20
C PRO A 137 -14.91 -6.52 -5.18
N ASP A 138 -14.65 -7.80 -5.44
CA ASP A 138 -13.81 -8.65 -4.55
C ASP A 138 -12.55 -9.06 -5.34
N GLY A 139 -12.02 -8.21 -6.20
CA GLY A 139 -10.91 -8.58 -7.07
C GLY A 139 -9.55 -8.50 -6.40
N LEU A 140 -9.35 -7.55 -5.48
CA LEU A 140 -8.03 -7.36 -4.83
C LEU A 140 -8.16 -7.43 -3.32
N ALA A 141 -7.03 -7.71 -2.71
CA ALA A 141 -6.82 -7.61 -1.24
C ALA A 141 -5.52 -6.87 -1.09
N VAL A 142 -5.56 -5.72 -0.43
CA VAL A 142 -4.30 -4.98 -0.14
C VAL A 142 -4.08 -5.07 1.37
N LEU A 143 -2.90 -5.52 1.74
CA LEU A 143 -2.48 -5.58 3.14
C LEU A 143 -1.71 -4.29 3.40
N GLY A 144 -2.25 -3.45 4.29
CA GLY A 144 -1.65 -2.16 4.58
C GLY A 144 -0.93 -2.22 5.92
N ILE A 145 0.28 -1.69 5.96
CA ILE A 145 1.16 -1.74 7.16
C ILE A 145 1.73 -0.35 7.39
N PHE A 146 1.48 0.22 8.54
CA PHE A 146 2.01 1.55 8.87
C PHE A 146 3.51 1.49 9.20
N LEU A 147 4.23 2.57 8.86
CA LEU A 147 5.65 2.74 9.26
C LEU A 147 5.75 3.94 10.20
N LYS A 148 6.43 3.72 11.31
CA LYS A 148 6.84 4.82 12.19
C LYS A 148 8.37 4.91 12.17
N VAL A 149 8.87 6.09 12.50
CA VAL A 149 10.34 6.35 12.52
C VAL A 149 10.89 6.05 13.92
N GLY A 150 11.83 5.11 13.99
CA GLY A 150 12.54 4.78 15.24
C GLY A 150 13.74 3.91 14.92
N SER A 151 13.70 2.66 15.35
CA SER A 151 14.74 1.65 15.05
CA SER A 151 14.75 1.66 15.04
C SER A 151 14.62 1.23 13.58
N ALA A 152 15.75 0.86 12.98
CA ALA A 152 15.83 0.38 11.58
C ALA A 152 15.04 -0.91 11.45
N LYS A 153 14.40 -1.11 10.30
CA LYS A 153 13.81 -2.40 9.92
C LYS A 153 14.84 -3.17 9.08
N PRO A 154 15.50 -4.21 9.63
CA PRO A 154 16.58 -4.86 8.87
C PRO A 154 16.10 -5.45 7.53
N GLY A 155 14.87 -5.94 7.50
CA GLY A 155 14.25 -6.60 6.32
C GLY A 155 13.93 -5.59 5.23
N LEU A 156 14.05 -4.29 5.51
CA LEU A 156 13.83 -3.20 4.51
C LEU A 156 15.15 -2.78 3.87
N GLN A 157 16.32 -3.13 4.42
CA GLN A 157 17.56 -2.42 3.99
C GLN A 157 17.90 -2.80 2.54
N LYS A 158 17.60 -4.01 2.07
CA LYS A 158 17.91 -4.39 0.66
C LYS A 158 17.13 -3.47 -0.30
N VAL A 159 15.89 -3.13 0.03
CA VAL A 159 15.07 -2.15 -0.75
C VAL A 159 15.77 -0.79 -0.73
N VAL A 160 16.08 -0.26 0.45
CA VAL A 160 16.71 1.09 0.63
C VAL A 160 17.98 1.14 -0.22
N ASP A 161 18.78 0.09 -0.25
CA ASP A 161 20.13 0.18 -0.89
C ASP A 161 20.04 0.10 -2.41
N VAL A 162 18.89 -0.27 -3.00
CA VAL A 162 18.76 -0.33 -4.47
C VAL A 162 18.14 0.98 -5.02
N LEU A 163 17.64 1.87 -4.15
CA LEU A 163 16.84 3.04 -4.58
C LEU A 163 17.74 4.00 -5.39
N ASP A 164 19.03 4.12 -5.06
CA ASP A 164 19.96 4.96 -5.86
C ASP A 164 19.96 4.52 -7.32
N SER A 165 19.76 3.23 -7.60
CA SER A 165 19.82 2.69 -8.98
C SER A 165 18.50 2.93 -9.74
N ILE A 166 17.41 3.34 -9.07
CA ILE A 166 16.10 3.57 -9.77
C ILE A 166 15.58 4.97 -9.38
N LYS A 167 16.48 5.96 -9.40
CA LYS A 167 16.16 7.30 -8.89
C LYS A 167 14.98 7.91 -9.65
N THR A 168 14.94 7.74 -10.97
CA THR A 168 14.00 8.48 -11.84
C THR A 168 12.96 7.59 -12.50
N LYS A 169 11.84 8.19 -12.87
CA LYS A 169 10.71 7.51 -13.50
C LYS A 169 11.19 6.65 -14.67
N GLY A 170 10.71 5.40 -14.74
CA GLY A 170 11.01 4.43 -15.81
C GLY A 170 12.25 3.59 -15.58
N LYS A 171 13.04 3.88 -14.55
CA LYS A 171 14.21 3.04 -14.19
C LYS A 171 13.75 1.82 -13.41
N SER A 172 14.30 0.65 -13.74
CA SER A 172 14.12 -0.63 -13.03
C SER A 172 15.49 -1.29 -12.74
N ALA A 173 15.49 -2.20 -11.80
CA ALA A 173 16.66 -3.04 -11.44
C ALA A 173 16.19 -4.45 -11.10
N ASP A 174 17.01 -5.43 -11.38
CA ASP A 174 16.81 -6.82 -10.93
C ASP A 174 16.67 -6.77 -9.41
N PHE A 175 15.71 -7.51 -8.85
CA PHE A 175 15.45 -7.51 -7.40
C PHE A 175 14.97 -8.90 -7.02
N THR A 176 15.84 -9.88 -7.21
CA THR A 176 15.49 -11.30 -6.95
C THR A 176 15.80 -11.61 -5.48
N ASN A 177 15.19 -12.68 -4.99
CA ASN A 177 15.45 -13.36 -3.71
C ASN A 177 15.15 -12.40 -2.55
N PHE A 178 14.18 -11.49 -2.70
CA PHE A 178 13.78 -10.60 -1.59
C PHE A 178 12.62 -11.27 -0.85
N ASP A 179 12.67 -11.34 0.49
CA ASP A 179 11.67 -12.04 1.34
C ASP A 179 10.77 -11.01 2.00
N PRO A 180 9.52 -10.86 1.55
CA PRO A 180 8.62 -9.84 2.09
C PRO A 180 8.20 -10.09 3.54
N ARG A 181 8.41 -11.33 4.03
CA ARG A 181 8.12 -11.60 5.47
C ARG A 181 8.95 -10.65 6.33
N GLY A 182 10.10 -10.15 5.87
CA GLY A 182 10.93 -9.21 6.61
C GLY A 182 10.28 -7.86 6.83
N LEU A 183 9.12 -7.60 6.20
CA LEU A 183 8.44 -6.29 6.32
C LEU A 183 7.27 -6.34 7.29
N LEU A 184 6.91 -7.51 7.80
CA LEU A 184 5.70 -7.66 8.64
C LEU A 184 6.01 -7.31 10.09
N PRO A 185 5.01 -6.82 10.84
CA PRO A 185 5.09 -6.75 12.29
C PRO A 185 4.85 -8.12 12.96
N GLU A 186 5.01 -8.16 14.27
CA GLU A 186 4.82 -9.42 15.06
CA GLU A 186 4.83 -9.40 15.08
C GLU A 186 3.37 -9.86 14.96
N SER A 187 2.43 -8.95 15.24
CA SER A 187 0.96 -9.19 15.28
C SER A 187 0.34 -9.01 13.91
N LEU A 188 -0.61 -9.89 13.57
CA LEU A 188 -1.48 -9.79 12.37
C LEU A 188 -2.88 -9.25 12.74
N ASP A 189 -3.09 -8.66 13.92
CA ASP A 189 -4.38 -8.01 14.25
C ASP A 189 -4.64 -6.95 13.18
N TYR A 190 -5.89 -6.85 12.72
CA TYR A 190 -6.20 -5.89 11.63
C TYR A 190 -7.58 -5.29 11.74
N TRP A 191 -7.71 -4.28 10.90
CA TRP A 191 -9.02 -3.66 10.56
C TRP A 191 -9.31 -3.98 9.10
N THR A 192 -10.57 -4.16 8.75
CA THR A 192 -10.94 -4.47 7.35
C THR A 192 -12.17 -3.71 6.94
N TYR A 193 -12.16 -3.24 5.72
CA TYR A 193 -13.34 -2.60 5.09
C TYR A 193 -13.23 -2.68 3.59
N PRO A 194 -14.35 -2.53 2.85
CA PRO A 194 -14.36 -2.55 1.41
C PRO A 194 -13.99 -1.17 0.86
N GLY A 195 -13.07 -1.08 -0.08
CA GLY A 195 -12.68 0.22 -0.61
C GLY A 195 -12.11 0.09 -1.99
N SER A 196 -11.13 0.91 -2.27
CA SER A 196 -10.72 1.19 -3.66
C SER A 196 -9.19 1.16 -3.79
N LEU A 197 -8.72 1.28 -5.03
CA LEU A 197 -7.33 1.70 -5.29
C LEU A 197 -7.21 3.13 -4.79
N THR A 198 -6.05 3.48 -4.27
CA THR A 198 -5.86 4.88 -3.75
C THR A 198 -5.20 5.79 -4.79
N THR A 199 -4.90 5.28 -5.99
CA THR A 199 -4.43 6.09 -7.12
C THR A 199 -5.38 5.85 -8.27
N PRO A 200 -5.45 6.78 -9.23
CA PRO A 200 -6.15 6.47 -10.45
C PRO A 200 -5.70 5.12 -10.98
N PRO A 201 -6.62 4.31 -11.51
CA PRO A 201 -8.01 4.70 -11.79
C PRO A 201 -9.04 4.61 -10.65
N LEU A 202 -8.59 4.39 -9.42
CA LEU A 202 -9.44 4.52 -8.21
C LEU A 202 -10.55 3.47 -8.20
N LEU A 203 -10.32 2.31 -8.81
CA LEU A 203 -11.40 1.31 -8.98
C LEU A 203 -11.82 0.74 -7.63
N GLU A 204 -13.11 0.46 -7.47
CA GLU A 204 -13.70 0.03 -6.20
C GLU A 204 -13.67 -1.50 -6.14
N CYS A 205 -12.47 -2.07 -6.02
CA CYS A 205 -12.21 -3.52 -6.23
C CYS A 205 -11.42 -4.11 -5.04
N VAL A 206 -11.24 -3.34 -3.96
CA VAL A 206 -10.26 -3.75 -2.92
C VAL A 206 -10.94 -4.12 -1.61
N THR A 207 -10.59 -5.28 -1.05
CA THR A 207 -10.81 -5.58 0.37
C THR A 207 -9.56 -5.07 1.07
N TRP A 208 -9.71 -4.03 1.88
CA TRP A 208 -8.57 -3.50 2.65
C TRP A 208 -8.42 -4.27 3.94
N ILE A 209 -7.19 -4.60 4.25
CA ILE A 209 -6.81 -5.27 5.51
C ILE A 209 -5.67 -4.42 6.08
N VAL A 210 -5.91 -3.68 7.16
CA VAL A 210 -4.90 -2.71 7.63
C VAL A 210 -4.38 -3.17 8.98
N LEU A 211 -3.09 -3.52 9.08
CA LEU A 211 -2.57 -4.07 10.37
C LEU A 211 -2.54 -2.98 11.44
N LYS A 212 -2.91 -3.33 12.68
CA LYS A 212 -2.89 -2.40 13.81
C LYS A 212 -1.45 -2.07 14.21
N GLU A 213 -0.55 -3.04 14.20
CA GLU A 213 0.83 -2.84 14.71
C GLU A 213 1.67 -2.22 13.57
N PRO A 214 2.25 -1.02 13.74
CA PRO A 214 3.14 -0.47 12.73
C PRO A 214 4.50 -1.19 12.80
N ILE A 215 5.28 -1.09 11.72
CA ILE A 215 6.71 -1.47 11.76
C ILE A 215 7.50 -0.20 12.02
N SER A 216 8.67 -0.38 12.62
CA SER A 216 9.64 0.73 12.83
C SER A 216 10.65 0.72 11.70
N VAL A 217 10.86 1.88 11.09
CA VAL A 217 12.03 2.09 10.19
C VAL A 217 12.90 3.24 10.72
N SER A 218 14.16 3.31 10.31
CA SER A 218 15.05 4.38 10.79
C SER A 218 14.88 5.62 9.96
N SER A 219 15.26 6.75 10.55
CA SER A 219 15.20 8.06 9.87
CA SER A 219 15.22 8.06 9.87
C SER A 219 16.05 7.95 8.59
N GLU A 220 17.18 7.22 8.66
CA GLU A 220 18.08 7.08 7.49
C GLU A 220 17.39 6.28 6.39
N GLN A 221 16.61 5.24 6.74
CA GLN A 221 15.87 4.47 5.74
C GLN A 221 14.83 5.36 5.05
N VAL A 222 14.00 6.09 5.80
CA VAL A 222 12.92 6.85 5.11
C VAL A 222 13.57 8.04 4.36
N LEU A 223 14.69 8.59 4.84
CA LEU A 223 15.36 9.70 4.11
C LEU A 223 15.72 9.24 2.69
N LYS A 224 16.12 7.99 2.52
CA LYS A 224 16.47 7.44 1.18
C LYS A 224 15.22 7.29 0.31
N PHE A 225 14.04 6.97 0.84
CA PHE A 225 12.80 7.04 0.04
C PHE A 225 12.64 8.45 -0.53
N ARG A 226 12.97 9.46 0.27
CA ARG A 226 12.70 10.87 -0.06
C ARG A 226 13.74 11.40 -1.04
N LYS A 227 14.79 10.66 -1.36
CA LYS A 227 15.78 11.05 -2.39
C LYS A 227 15.34 10.54 -3.76
N LEU A 228 14.28 9.72 -3.87
CA LEU A 228 13.75 9.34 -5.20
C LEU A 228 13.20 10.56 -5.93
N ASN A 229 13.00 10.42 -7.23
CA ASN A 229 12.44 11.50 -8.10
C ASN A 229 11.14 11.05 -8.75
N PHE A 230 10.17 11.94 -8.87
CA PHE A 230 8.94 11.71 -9.67
C PHE A 230 9.26 11.78 -11.16
N ASN A 231 10.23 12.64 -11.49
CA ASN A 231 10.61 13.00 -12.88
C ASN A 231 11.46 11.90 -13.51
N GLY A 232 11.45 11.88 -14.86
CA GLY A 232 12.42 11.13 -15.67
C GLY A 232 13.80 11.76 -15.64
N GLU A 233 14.82 10.95 -15.96
CA GLU A 233 16.25 11.36 -16.13
C GLU A 233 16.35 12.60 -17.03
N GLY A 234 17.20 13.56 -16.63
CA GLY A 234 17.46 14.82 -17.36
C GLY A 234 16.23 15.72 -17.49
N GLU A 235 15.21 15.52 -16.66
CA GLU A 235 14.08 16.46 -16.50
C GLU A 235 14.31 17.20 -15.20
N PRO A 236 13.58 18.31 -14.93
CA PRO A 236 13.74 19.04 -13.67
C PRO A 236 13.44 18.12 -12.46
N GLU A 237 14.35 18.15 -11.48
CA GLU A 237 14.28 17.27 -10.28
C GLU A 237 13.08 17.66 -9.40
N GLU A 238 12.21 16.69 -9.18
CA GLU A 238 11.08 16.83 -8.22
C GLU A 238 11.16 15.64 -7.28
N LEU A 239 11.48 15.92 -6.02
CA LEU A 239 11.64 14.82 -5.06
C LEU A 239 10.32 14.04 -4.93
N MET A 240 10.44 12.71 -4.92
CA MET A 240 9.28 11.81 -4.69
C MET A 240 8.98 11.82 -3.19
N VAL A 241 8.13 12.77 -2.79
CA VAL A 241 7.64 12.87 -1.39
C VAL A 241 6.14 13.20 -1.47
N ASP A 242 5.41 12.87 -0.42
CA ASP A 242 3.97 13.18 -0.23
C ASP A 242 3.16 12.57 -1.37
N ASN A 243 3.47 11.30 -1.69
CA ASN A 243 2.72 10.54 -2.71
C ASN A 243 1.58 9.75 -2.06
N TRP A 244 0.80 10.38 -1.20
CA TRP A 244 -0.31 9.79 -0.42
C TRP A 244 -1.59 10.56 -0.75
N ARG A 245 -2.68 9.84 -0.87
CA ARG A 245 -4.02 10.43 -0.96
C ARG A 245 -4.59 10.61 0.43
N PRO A 246 -5.25 11.72 0.73
CA PRO A 246 -5.87 11.87 2.04
C PRO A 246 -7.12 11.02 2.26
N ALA A 247 -7.55 10.93 3.52
CA ALA A 247 -8.74 10.15 3.92
C ALA A 247 -10.00 10.65 3.17
N GLN A 248 -10.79 9.68 2.69
CA GLN A 248 -12.04 9.83 1.91
C GLN A 248 -13.24 9.52 2.80
N PRO A 249 -14.42 10.06 2.45
CA PRO A 249 -15.60 9.78 3.28
C PRO A 249 -15.92 8.28 3.39
N LEU A 250 -16.25 7.87 4.60
CA LEU A 250 -16.58 6.45 4.88
C LEU A 250 -17.92 6.11 4.24
N LYS A 251 -18.86 7.04 4.21
CA LYS A 251 -20.21 6.79 3.64
C LYS A 251 -20.88 5.62 4.36
N ASN A 252 -21.46 4.72 3.59
CA ASN A 252 -22.30 3.61 4.11
C ASN A 252 -21.40 2.39 4.26
N ARG A 253 -20.32 2.54 5.05
CA ARG A 253 -19.35 1.45 5.29
C ARG A 253 -19.04 1.31 6.77
N GLN A 254 -18.75 0.08 7.15
CA GLN A 254 -18.41 -0.35 8.52
C GLN A 254 -17.01 -0.93 8.48
N ILE A 255 -16.17 -0.41 9.35
CA ILE A 255 -14.81 -0.96 9.58
C ILE A 255 -14.89 -2.02 10.69
N LYS A 256 -14.34 -3.20 10.41
CA LYS A 256 -14.46 -4.40 11.28
C LYS A 256 -13.07 -4.63 11.87
N ALA A 257 -12.97 -4.88 13.17
CA ALA A 257 -11.72 -5.25 13.86
C ALA A 257 -11.62 -6.77 14.02
N SER A 258 -10.43 -7.32 13.85
CA SER A 258 -10.16 -8.76 14.06
C SER A 258 -9.94 -9.09 15.54
N PHE A 259 -9.85 -8.10 16.40
CA PHE A 259 -9.35 -8.20 17.81
C PHE A 259 -10.27 -7.41 18.75
N LYS A 260 -10.29 -7.79 20.03
CA LYS A 260 -11.08 -7.14 21.11
C LYS A 260 -10.31 -5.95 21.68
C1 GOL B . 0.90 3.23 -6.39
O1 GOL B . -0.42 2.99 -5.90
C2 GOL B . 1.50 1.98 -7.02
O2 GOL B . 2.82 2.22 -7.47
C3 GOL B . 0.66 1.43 -8.15
O3 GOL B . 1.26 0.29 -8.75
ZN ZN C . -0.70 2.05 -2.38
C15 XPI D . -3.03 0.68 -11.30
C14 XPI D . -2.94 0.99 -7.88
C13 XPI D . -3.03 1.37 -6.55
C16 XPI D . -2.69 0.64 -12.77
C17 XPI D . -3.89 0.61 -13.70
C2 XPI D . -1.89 -1.25 -11.75
C7 XPI D . -2.62 -0.90 -5.88
C3 XPI D . -2.55 -0.43 -10.73
N4 XPI D . -2.55 -0.92 -9.49
C5 XPI D . -2.69 -0.34 -8.22
C6 XPI D . -2.53 -1.27 -7.21
O1 XPI D . -1.33 -2.32 -11.65
C8 XPI D . -2.87 0.42 -5.56
S9 XPI D . -3.09 0.83 -3.86
O10 XPI D . -4.47 1.09 -3.64
N11 XPI D . -2.28 2.17 -3.58
O12 XPI D . -2.53 -0.25 -3.08
C18 XPI D . -4.29 1.73 -14.45
O19 XPI D . -3.58 2.88 -14.21
C20 XPI D . -3.95 4.07 -14.92
C21 XPI D . -5.33 1.64 -15.38
C22 XPI D . -5.99 0.43 -15.54
O23 XPI D . -7.14 0.29 -16.28
C24 XPI D . -7.98 1.43 -16.45
C25 XPI D . -5.59 -0.70 -14.80
O26 XPI D . -6.17 -1.88 -15.17
C27 XPI D . -5.55 -3.10 -14.73
C28 XPI D . -4.57 -0.59 -13.89
O29 XPI D . -1.98 -0.62 -12.93
#